data_9FUM
#
_entry.id   9FUM
#
_cell.length_a   74.394
_cell.length_b   69.137
_cell.length_c   82.797
_cell.angle_alpha   90.00
_cell.angle_beta   112.00
_cell.angle_gamma   90.00
#
_symmetry.space_group_name_H-M   'P 1 21 1'
#
loop_
_entity.id
_entity.type
_entity.pdbx_description
1 polymer '14-3-3 protein zeta/delta'
2 polymer 'Isoform 3 of Microtubule-associated protein 2'
3 non-polymer 'CADMIUM ION'
4 water water
#
loop_
_entity_poly.entity_id
_entity_poly.type
_entity_poly.pdbx_seq_one_letter_code
_entity_poly.pdbx_strand_id
1 'polypeptide(L)'
;SVDMDKNELVQKAKLAEQAERYDDMAACMKSVTEQGAELSNEERNLLSVAYKNVVGARRSSWRVVSSIEQKTEGAEKKQQ
MAREYREKIETELRDICNDVLSLLEKFLIPNASQAESKVFYLKMKGDYYRYLAEVAAGDDKKGIVDQSQQAYQEAFEISK
KEMQPTHPIRLGLALNFSVFYYEILNSPEKACSLAKTAFDEAIAELDTLSEESYKDSTLIMQLLRDNLTLWTSDTQGDEA
EAGEGGEN
;
A,B
2 'polypeptide(L)' RRL(SEP)NVSS E,F
#
# COMPACT_ATOMS: atom_id res chain seq x y z
N MET A 4 -8.64 23.18 4.02
CA MET A 4 -9.54 23.86 3.04
C MET A 4 -8.91 25.16 2.53
N ASP A 5 -7.91 25.72 3.25
CA ASP A 5 -6.98 26.67 2.66
C ASP A 5 -5.78 25.89 2.12
N LYS A 6 -4.91 26.56 1.36
CA LYS A 6 -3.93 25.87 0.53
C LYS A 6 -2.85 25.28 1.42
N ASN A 7 -2.37 26.04 2.40
CA ASN A 7 -1.23 25.57 3.19
C ASN A 7 -1.63 24.32 3.99
N GLU A 8 -2.92 24.22 4.37
CA GLU A 8 -3.42 23.10 5.15
C GLU A 8 -3.41 21.82 4.30
N LEU A 9 -3.89 21.94 3.05
CA LEU A 9 -3.87 20.85 2.10
C LEU A 9 -2.45 20.35 1.91
N VAL A 10 -1.49 21.28 1.79
CA VAL A 10 -0.12 20.86 1.49
C VAL A 10 0.48 20.12 2.68
N GLN A 11 0.08 20.56 3.89
CA GLN A 11 0.46 19.96 5.17
C GLN A 11 -0.09 18.53 5.26
N LYS A 12 -1.42 18.35 5.08
CA LYS A 12 -2.01 17.02 5.01
C LYS A 12 -1.24 16.12 4.05
N ALA A 13 -0.99 16.63 2.84
CA ALA A 13 -0.42 15.82 1.79
C ALA A 13 0.91 15.26 2.27
N LYS A 14 1.69 16.04 3.02
CA LYS A 14 2.97 15.56 3.54
C LYS A 14 2.73 14.59 4.69
N LEU A 15 1.79 14.92 5.57
CA LEU A 15 1.38 14.00 6.64
C LEU A 15 1.09 12.63 5.99
N ALA A 16 0.15 12.64 5.03
CA ALA A 16 -0.26 11.44 4.30
C ALA A 16 0.94 10.79 3.62
N GLU A 17 1.87 11.59 3.08
CA GLU A 17 3.06 11.00 2.51
C GLU A 17 3.85 10.26 3.60
N GLN A 18 3.95 10.87 4.79
CA GLN A 18 4.62 10.23 5.92
C GLN A 18 3.92 8.91 6.29
N ALA A 19 2.59 8.91 6.28
CA ALA A 19 1.79 7.76 6.69
C ALA A 19 1.65 6.70 5.59
N GLU A 20 2.32 6.88 4.44
CA GLU A 20 2.13 6.04 3.26
C GLU A 20 0.66 5.89 2.88
N ARG A 21 -0.09 6.99 2.88
CA ARG A 21 -1.50 7.02 2.46
C ARG A 21 -1.67 8.00 1.29
N TYR A 22 -1.47 7.46 0.08
CA TYR A 22 -1.29 8.23 -1.14
C TYR A 22 -2.63 8.61 -1.78
N ASP A 23 -3.65 7.78 -1.65
CA ASP A 23 -4.97 8.23 -2.03
C ASP A 23 -5.24 9.57 -1.37
N ASP A 24 -4.93 9.69 -0.07
CA ASP A 24 -5.18 10.95 0.64
C ASP A 24 -4.26 12.04 0.08
N MET A 25 -2.98 11.69 -0.14
CA MET A 25 -2.01 12.67 -0.63
C MET A 25 -2.48 13.23 -1.97
N ALA A 26 -2.93 12.33 -2.86
CA ALA A 26 -3.54 12.67 -4.15
C ALA A 26 -4.71 13.64 -4.00
N ALA A 27 -5.67 13.26 -3.16
CA ALA A 27 -6.88 14.03 -2.96
C ALA A 27 -6.54 15.43 -2.49
N CYS A 28 -5.50 15.50 -1.67
CA CYS A 28 -5.10 16.81 -1.15
C CYS A 28 -4.61 17.69 -2.29
N MET A 29 -3.66 17.14 -3.05
CA MET A 29 -3.01 17.89 -4.11
C MET A 29 -4.01 18.18 -5.21
N LYS A 30 -4.93 17.25 -5.50
CA LYS A 30 -6.06 17.53 -6.39
C LYS A 30 -6.74 18.85 -5.99
N SER A 31 -7.08 19.01 -4.70
CA SER A 31 -7.88 20.14 -4.25
C SER A 31 -7.12 21.44 -4.39
N VAL A 32 -5.82 21.39 -4.00
CA VAL A 32 -4.87 22.47 -4.22
C VAL A 32 -4.90 22.89 -5.69
N THR A 33 -4.86 21.91 -6.61
CA THR A 33 -4.78 22.20 -8.02
C THR A 33 -6.08 22.85 -8.47
N GLU A 34 -7.20 22.39 -7.91
CA GLU A 34 -8.50 22.81 -8.39
C GLU A 34 -8.74 24.26 -7.99
N GLN A 35 -7.89 24.80 -7.09
CA GLN A 35 -8.01 26.18 -6.64
C GLN A 35 -7.47 27.18 -7.66
N GLY A 36 -6.86 26.73 -8.76
CA GLY A 36 -6.81 27.56 -9.95
C GLY A 36 -5.45 28.20 -10.15
N ALA A 37 -4.69 28.40 -9.06
CA ALA A 37 -3.38 29.03 -9.15
C ALA A 37 -2.32 28.01 -9.53
N GLU A 38 -1.31 28.51 -10.22
CA GLU A 38 -0.10 27.77 -10.58
C GLU A 38 0.55 27.19 -9.32
N LEU A 39 0.81 25.88 -9.33
CA LEU A 39 1.55 25.24 -8.24
C LEU A 39 2.99 25.74 -8.15
N SER A 40 3.48 25.86 -6.92
CA SER A 40 4.90 26.03 -6.65
C SER A 40 5.61 24.74 -7.01
N ASN A 41 6.96 24.74 -6.88
CA ASN A 41 7.75 23.53 -7.13
C ASN A 41 7.46 22.43 -6.13
N GLU A 42 7.32 22.79 -4.85
CA GLU A 42 7.01 21.80 -3.85
C GLU A 42 5.67 21.13 -4.16
N GLU A 43 4.61 21.95 -4.33
CA GLU A 43 3.26 21.47 -4.60
C GLU A 43 3.26 20.53 -5.81
N ARG A 44 3.79 21.02 -6.94
CA ARG A 44 4.01 20.23 -8.13
C ARG A 44 4.60 18.86 -7.79
N ASN A 45 5.65 18.81 -6.96
CA ASN A 45 6.33 17.55 -6.71
C ASN A 45 5.49 16.68 -5.79
N LEU A 46 4.79 17.28 -4.83
CA LEU A 46 3.89 16.49 -4.01
C LEU A 46 2.85 15.84 -4.90
N LEU A 47 2.19 16.62 -5.77
CA LEU A 47 1.14 16.11 -6.65
C LEU A 47 1.63 14.92 -7.45
N SER A 48 2.79 15.08 -8.06
CA SER A 48 3.29 14.08 -8.98
C SER A 48 3.76 12.85 -8.19
N VAL A 49 4.25 13.05 -6.98
CA VAL A 49 4.62 11.93 -6.14
C VAL A 49 3.36 11.18 -5.72
N ALA A 50 2.35 11.93 -5.27
CA ALA A 50 1.07 11.35 -4.90
C ALA A 50 0.57 10.44 -6.01
N TYR A 51 0.59 10.89 -7.25
CA TYR A 51 -0.15 10.10 -8.20
C TYR A 51 0.74 9.01 -8.77
N LYS A 52 2.07 9.17 -8.68
CA LYS A 52 2.98 8.11 -9.07
C LYS A 52 2.62 6.86 -8.29
N ASN A 53 2.36 7.02 -6.98
CA ASN A 53 2.11 5.91 -6.06
C ASN A 53 0.70 5.35 -6.29
N VAL A 54 -0.30 6.22 -6.37
CA VAL A 54 -1.68 5.81 -6.63
C VAL A 54 -1.73 5.03 -7.95
N VAL A 55 -1.10 5.58 -9.01
CA VAL A 55 -1.15 4.94 -10.30
C VAL A 55 -0.25 3.70 -10.29
N GLY A 56 0.87 3.76 -9.52
CA GLY A 56 1.88 2.72 -9.57
C GLY A 56 1.39 1.40 -8.98
N ALA A 57 0.65 1.49 -7.87
CA ALA A 57 0.05 0.34 -7.21
C ALA A 57 -0.78 -0.48 -8.19
N ARG A 58 -1.76 0.18 -8.84
CA ARG A 58 -2.64 -0.45 -9.81
C ARG A 58 -1.90 -1.09 -11.01
N ARG A 59 -0.94 -0.36 -11.58
CA ARG A 59 -0.19 -0.89 -12.72
C ARG A 59 0.56 -2.16 -12.29
N SER A 60 1.06 -2.16 -11.06
CA SER A 60 1.76 -3.34 -10.59
C SER A 60 0.77 -4.47 -10.33
N SER A 61 -0.42 -4.13 -9.80
CA SER A 61 -1.43 -5.14 -9.54
C SER A 61 -1.89 -5.75 -10.85
N TRP A 62 -1.97 -4.89 -11.86
CA TRP A 62 -2.32 -5.34 -13.20
C TRP A 62 -1.26 -6.29 -13.75
N ARG A 63 0.01 -5.95 -13.61
CA ARG A 63 1.08 -6.84 -14.06
C ARG A 63 0.87 -8.25 -13.52
N VAL A 64 0.61 -8.36 -12.22
CA VAL A 64 0.53 -9.64 -11.54
C VAL A 64 -0.66 -10.45 -12.04
N VAL A 65 -1.82 -9.78 -12.20
CA VAL A 65 -3.09 -10.45 -12.43
C VAL A 65 -3.19 -10.85 -13.90
N SER A 66 -2.69 -9.96 -14.75
CA SER A 66 -2.48 -10.21 -16.17
C SER A 66 -1.63 -11.45 -16.41
N SER A 67 -0.51 -11.52 -15.68
CA SER A 67 0.43 -12.63 -15.74
C SER A 67 -0.25 -13.93 -15.28
N ILE A 68 -1.07 -13.88 -14.25
CA ILE A 68 -1.82 -15.07 -13.89
C ILE A 68 -2.85 -15.45 -14.98
N GLU A 69 -3.45 -14.47 -15.67
CA GLU A 69 -4.41 -14.74 -16.73
C GLU A 69 -3.75 -15.55 -17.84
N GLN A 70 -2.57 -15.10 -18.26
CA GLN A 70 -1.81 -15.77 -19.31
C GLN A 70 -1.48 -17.19 -18.89
N LYS A 71 -1.15 -17.39 -17.62
CA LYS A 71 -0.62 -18.66 -17.15
C LYS A 71 -1.73 -19.67 -16.82
N THR A 72 -2.99 -19.28 -17.00
CA THR A 72 -4.09 -20.21 -16.76
C THR A 72 -4.85 -20.50 -18.07
N GLU A 73 -4.25 -20.24 -19.22
CA GLU A 73 -4.77 -20.82 -20.46
C GLU A 73 -5.05 -22.31 -20.26
N GLY A 74 -6.28 -22.74 -20.58
CA GLY A 74 -6.63 -24.13 -20.43
C GLY A 74 -7.34 -24.39 -19.11
N ALA A 75 -7.11 -23.55 -18.10
CA ALA A 75 -7.92 -23.58 -16.89
C ALA A 75 -8.99 -22.50 -16.98
N GLU A 76 -9.94 -22.65 -17.92
CA GLU A 76 -10.68 -21.51 -18.41
C GLU A 76 -11.49 -20.79 -17.33
N LYS A 77 -11.91 -21.46 -16.25
CA LYS A 77 -12.70 -20.76 -15.23
C LYS A 77 -11.75 -19.88 -14.42
N LYS A 78 -10.61 -20.46 -14.01
CA LYS A 78 -9.58 -19.70 -13.31
C LYS A 78 -9.27 -18.41 -14.08
N GLN A 79 -9.10 -18.56 -15.39
CA GLN A 79 -8.65 -17.47 -16.21
C GLN A 79 -9.73 -16.41 -16.27
N GLN A 80 -10.97 -16.83 -16.56
CA GLN A 80 -12.12 -15.94 -16.55
C GLN A 80 -12.09 -15.09 -15.28
N MET A 81 -11.79 -15.74 -14.16
CA MET A 81 -11.77 -15.08 -12.86
C MET A 81 -10.72 -13.96 -12.85
N ALA A 82 -9.51 -14.33 -13.23
CA ALA A 82 -8.43 -13.37 -13.30
C ALA A 82 -8.77 -12.23 -14.29
N ARG A 83 -9.37 -12.55 -15.43
CA ARG A 83 -9.73 -11.53 -16.44
C ARG A 83 -10.71 -10.51 -15.85
N GLU A 84 -11.66 -10.99 -15.08
CA GLU A 84 -12.65 -10.11 -14.51
C GLU A 84 -11.98 -9.19 -13.48
N TYR A 85 -11.03 -9.73 -12.73
CA TYR A 85 -10.39 -8.95 -11.68
C TYR A 85 -9.47 -7.93 -12.33
N ARG A 86 -8.82 -8.32 -13.44
CA ARG A 86 -8.00 -7.40 -14.22
C ARG A 86 -8.88 -6.22 -14.69
N GLU A 87 -10.05 -6.50 -15.26
CA GLU A 87 -11.03 -5.48 -15.63
C GLU A 87 -11.31 -4.52 -14.47
N LYS A 88 -11.53 -5.03 -13.25
CA LYS A 88 -11.75 -4.15 -12.12
C LYS A 88 -10.54 -3.19 -11.97
N ILE A 89 -9.33 -3.76 -11.98
CA ILE A 89 -8.13 -2.96 -11.83
C ILE A 89 -8.09 -1.92 -12.94
N GLU A 90 -8.40 -2.33 -14.17
CA GLU A 90 -8.34 -1.42 -15.30
C GLU A 90 -9.29 -0.24 -15.11
N THR A 91 -10.47 -0.48 -14.54
CA THR A 91 -11.39 0.63 -14.25
C THR A 91 -10.73 1.65 -13.30
N GLU A 92 -10.08 1.19 -12.23
CA GLU A 92 -9.33 2.08 -11.35
C GLU A 92 -8.28 2.88 -12.13
N LEU A 93 -7.43 2.17 -12.88
CA LEU A 93 -6.44 2.81 -13.73
C LEU A 93 -7.05 3.94 -14.55
N ARG A 94 -8.24 3.73 -15.14
CA ARG A 94 -8.90 4.72 -15.98
C ARG A 94 -9.34 5.94 -15.19
N ASP A 95 -10.08 5.80 -14.03
CA ASP A 95 -10.51 6.95 -13.26
C ASP A 95 -9.27 7.78 -12.95
N ILE A 96 -8.19 7.11 -12.52
CA ILE A 96 -6.99 7.78 -12.04
C ILE A 96 -6.33 8.59 -13.15
N CYS A 97 -6.05 7.92 -14.28
CA CYS A 97 -5.51 8.59 -15.45
C CYS A 97 -6.38 9.78 -15.85
N ASN A 98 -7.70 9.55 -15.97
CA ASN A 98 -8.61 10.62 -16.36
C ASN A 98 -8.70 11.73 -15.32
N ASP A 99 -8.52 11.44 -14.01
CA ASP A 99 -8.34 12.52 -13.05
C ASP A 99 -7.08 13.32 -13.42
N VAL A 100 -5.93 12.67 -13.56
CA VAL A 100 -4.69 13.43 -13.75
C VAL A 100 -4.70 14.21 -15.07
N LEU A 101 -5.18 13.58 -16.13
CA LEU A 101 -5.22 14.20 -17.46
C LEU A 101 -6.16 15.39 -17.45
N SER A 102 -7.18 15.32 -16.58
CA SER A 102 -8.13 16.41 -16.49
C SER A 102 -7.52 17.60 -15.72
N LEU A 103 -6.82 17.31 -14.63
CA LEU A 103 -6.07 18.36 -13.97
C LEU A 103 -5.05 19.02 -14.92
N LEU A 104 -4.36 18.19 -15.71
CA LEU A 104 -3.36 18.71 -16.66
C LEU A 104 -4.04 19.65 -17.66
N GLU A 105 -5.18 19.25 -18.21
CA GLU A 105 -5.80 20.01 -19.28
C GLU A 105 -6.38 21.30 -18.73
N LYS A 106 -7.11 21.23 -17.62
CA LYS A 106 -7.81 22.37 -17.05
C LYS A 106 -6.91 23.36 -16.28
N PHE A 107 -5.90 22.89 -15.52
CA PHE A 107 -5.17 23.78 -14.62
C PHE A 107 -3.71 23.77 -14.98
N LEU A 108 -3.07 22.59 -14.88
CA LEU A 108 -1.62 22.58 -14.76
C LEU A 108 -0.93 23.06 -16.04
N ILE A 109 -1.39 22.62 -17.21
CA ILE A 109 -0.76 23.06 -18.45
C ILE A 109 -1.11 24.51 -18.76
N PRO A 110 -2.39 24.97 -18.75
CA PRO A 110 -2.69 26.41 -18.93
C PRO A 110 -1.89 27.34 -18.01
N ASN A 111 -1.60 26.90 -16.78
CA ASN A 111 -1.02 27.79 -15.77
C ASN A 111 0.51 27.73 -15.77
N ALA A 112 1.11 26.97 -16.69
CA ALA A 112 2.55 26.82 -16.64
C ALA A 112 3.20 28.04 -17.31
N SER A 113 3.89 28.87 -16.52
CA SER A 113 4.48 30.08 -17.07
C SER A 113 5.96 29.90 -17.40
N GLN A 114 6.65 28.99 -16.73
CA GLN A 114 8.06 28.74 -17.03
C GLN A 114 8.23 27.42 -17.78
N ALA A 115 9.18 27.41 -18.71
CA ALA A 115 9.36 26.32 -19.67
C ALA A 115 9.56 24.99 -18.93
N GLU A 116 10.36 25.03 -17.87
CA GLU A 116 10.61 23.90 -17.00
C GLU A 116 9.27 23.26 -16.60
N SER A 117 8.34 24.06 -16.11
CA SER A 117 7.12 23.45 -15.61
C SER A 117 6.24 23.01 -16.77
N LYS A 118 6.33 23.63 -17.95
CA LYS A 118 5.59 23.14 -19.12
C LYS A 118 6.10 21.74 -19.50
N VAL A 119 7.41 21.55 -19.53
CA VAL A 119 7.98 20.27 -19.90
C VAL A 119 7.50 19.22 -18.90
N PHE A 120 7.65 19.52 -17.61
CA PHE A 120 7.28 18.59 -16.56
C PHE A 120 5.85 18.13 -16.77
N TYR A 121 4.95 19.10 -17.01
CA TYR A 121 3.54 18.79 -17.14
C TYR A 121 3.23 18.15 -18.49
N LEU A 122 3.91 18.54 -19.57
CA LEU A 122 3.68 17.87 -20.84
C LEU A 122 4.14 16.42 -20.80
N LYS A 123 5.26 16.16 -20.09
CA LYS A 123 5.75 14.81 -19.90
C LYS A 123 4.79 13.99 -19.03
N MET A 124 4.29 14.58 -17.94
CA MET A 124 3.30 13.91 -17.10
C MET A 124 2.13 13.44 -17.97
N LYS A 125 1.73 14.28 -18.91
CA LYS A 125 0.60 13.98 -19.77
C LYS A 125 0.94 12.79 -20.66
N GLY A 126 2.14 12.82 -21.25
CA GLY A 126 2.57 11.68 -22.04
C GLY A 126 2.45 10.42 -21.21
N ASP A 127 2.91 10.52 -19.96
CA ASP A 127 2.88 9.38 -19.07
C ASP A 127 1.46 8.84 -18.85
N TYR A 128 0.53 9.69 -18.45
CA TYR A 128 -0.78 9.19 -18.04
C TYR A 128 -1.53 8.81 -19.30
N TYR A 129 -1.14 9.36 -20.45
CA TYR A 129 -1.66 8.87 -21.72
C TYR A 129 -1.08 7.50 -22.02
N ARG A 130 0.21 7.30 -21.72
CA ARG A 130 0.86 6.00 -21.89
C ARG A 130 0.13 4.95 -21.05
N TYR A 131 -0.22 5.30 -19.80
CA TYR A 131 -0.83 4.36 -18.87
C TYR A 131 -2.22 3.97 -19.37
N LEU A 132 -3.06 4.95 -19.69
CA LEU A 132 -4.33 4.71 -20.38
C LEU A 132 -4.16 3.71 -21.53
N ALA A 133 -3.19 3.95 -22.41
CA ALA A 133 -3.11 3.19 -23.63
C ALA A 133 -2.83 1.71 -23.32
N GLU A 134 -2.18 1.46 -22.19
CA GLU A 134 -1.84 0.09 -21.83
C GLU A 134 -3.09 -0.74 -21.54
N VAL A 135 -4.21 -0.09 -21.20
CA VAL A 135 -5.46 -0.78 -20.90
C VAL A 135 -6.55 -0.28 -21.84
N ALA A 136 -6.15 0.12 -23.05
CA ALA A 136 -7.12 0.61 -24.01
C ALA A 136 -7.45 -0.49 -25.00
N ALA A 137 -8.67 -0.42 -25.54
CA ALA A 137 -9.17 -1.40 -26.47
C ALA A 137 -9.15 -0.82 -27.88
N GLY A 138 -8.64 -1.62 -28.83
CA GLY A 138 -8.88 -1.44 -30.26
C GLY A 138 -8.54 -0.03 -30.76
N ASP A 139 -9.58 0.67 -31.26
CA ASP A 139 -9.42 1.93 -31.97
C ASP A 139 -9.19 3.09 -30.99
N ASP A 140 -9.90 3.05 -29.85
CA ASP A 140 -9.66 3.93 -28.71
C ASP A 140 -8.16 3.93 -28.40
N LYS A 141 -7.52 2.76 -28.39
CA LYS A 141 -6.10 2.65 -28.09
C LYS A 141 -5.23 3.44 -29.07
N LYS A 142 -5.51 3.28 -30.36
CA LYS A 142 -4.67 3.91 -31.38
C LYS A 142 -4.65 5.42 -31.11
N GLY A 143 -5.84 5.99 -30.86
CA GLY A 143 -5.95 7.41 -30.59
C GLY A 143 -5.15 7.84 -29.36
N ILE A 144 -5.25 7.07 -28.27
CA ILE A 144 -4.58 7.43 -27.04
C ILE A 144 -3.06 7.40 -27.22
N VAL A 145 -2.55 6.38 -27.90
CA VAL A 145 -1.13 6.29 -28.20
C VAL A 145 -0.58 7.55 -28.91
N ASP A 146 -1.31 8.09 -29.90
CA ASP A 146 -0.86 9.29 -30.59
C ASP A 146 -0.80 10.42 -29.56
N GLN A 147 -1.87 10.54 -28.76
CA GLN A 147 -1.94 11.56 -27.72
C GLN A 147 -0.71 11.52 -26.83
N SER A 148 -0.27 10.33 -26.42
CA SER A 148 0.94 10.21 -25.62
C SER A 148 2.12 10.75 -26.42
N GLN A 149 2.25 10.28 -27.67
CA GLN A 149 3.40 10.62 -28.50
C GLN A 149 3.50 12.14 -28.65
N GLN A 150 2.33 12.78 -28.89
CA GLN A 150 2.24 14.21 -29.14
C GLN A 150 2.71 14.97 -27.91
N ALA A 151 2.26 14.57 -26.70
CA ALA A 151 2.63 15.34 -25.54
C ALA A 151 4.11 15.07 -25.24
N TYR A 152 4.56 13.81 -25.30
CA TYR A 152 5.98 13.59 -25.20
C TYR A 152 6.74 14.50 -26.16
N GLN A 153 6.36 14.54 -27.45
CA GLN A 153 7.17 15.16 -28.49
C GLN A 153 7.27 16.66 -28.21
N GLU A 154 6.17 17.23 -27.73
CA GLU A 154 6.12 18.65 -27.49
C GLU A 154 7.03 19.00 -26.33
N ALA A 155 7.02 18.18 -25.29
CA ALA A 155 7.95 18.34 -24.17
C ALA A 155 9.40 18.22 -24.65
N PHE A 156 9.63 17.32 -25.60
CA PHE A 156 10.97 17.06 -26.06
C PHE A 156 11.54 18.31 -26.74
N GLU A 157 10.68 19.01 -27.48
CA GLU A 157 11.11 20.14 -28.29
C GLU A 157 11.38 21.33 -27.38
N ILE A 158 10.59 21.51 -26.33
CA ILE A 158 10.83 22.60 -25.41
C ILE A 158 12.11 22.27 -24.65
N SER A 159 12.27 21.02 -24.21
CA SER A 159 13.46 20.68 -23.43
C SER A 159 14.73 20.95 -24.25
N LYS A 160 14.71 20.55 -25.53
CA LYS A 160 15.84 20.77 -26.42
C LYS A 160 16.18 22.26 -26.46
N LYS A 161 15.18 23.13 -26.55
CA LYS A 161 15.37 24.57 -26.66
C LYS A 161 15.85 25.20 -25.35
N GLU A 162 15.36 24.74 -24.19
CA GLU A 162 15.30 25.57 -23.00
C GLU A 162 16.00 24.96 -21.78
N MET A 163 16.52 23.73 -21.88
CA MET A 163 17.04 23.07 -20.69
C MET A 163 18.34 22.37 -21.04
N GLN A 164 19.26 22.40 -20.08
CA GLN A 164 20.56 21.78 -20.23
C GLN A 164 20.32 20.27 -20.33
N PRO A 165 21.17 19.52 -21.07
CA PRO A 165 21.06 18.06 -21.14
C PRO A 165 21.09 17.32 -19.81
N THR A 166 21.62 17.95 -18.75
CA THR A 166 21.79 17.34 -17.43
C THR A 166 20.60 17.64 -16.55
N HIS A 167 19.65 18.45 -17.04
CA HIS A 167 18.46 18.76 -16.26
C HIS A 167 17.72 17.46 -16.01
N PRO A 168 17.33 17.14 -14.76
CA PRO A 168 16.63 15.89 -14.48
C PRO A 168 15.21 15.80 -15.07
N ILE A 169 14.53 16.94 -15.31
CA ILE A 169 13.24 16.87 -15.98
C ILE A 169 13.46 16.46 -17.43
N ARG A 170 14.39 17.12 -18.12
CA ARG A 170 14.74 16.74 -19.48
C ARG A 170 15.18 15.28 -19.57
N LEU A 171 16.04 14.81 -18.65
CA LEU A 171 16.52 13.43 -18.67
C LEU A 171 15.37 12.44 -18.48
N GLY A 172 14.51 12.71 -17.49
CA GLY A 172 13.37 11.83 -17.22
C GLY A 172 12.41 11.79 -18.41
N LEU A 173 12.19 12.95 -19.02
CA LEU A 173 11.45 12.98 -20.27
C LEU A 173 12.08 12.02 -21.31
N ALA A 174 13.40 12.07 -21.49
CA ALA A 174 14.06 11.21 -22.46
C ALA A 174 13.87 9.73 -22.08
N LEU A 175 14.09 9.37 -20.82
CA LEU A 175 13.85 8.01 -20.39
C LEU A 175 12.45 7.56 -20.79
N ASN A 176 11.43 8.30 -20.32
CA ASN A 176 10.06 7.86 -20.48
C ASN A 176 9.64 7.84 -21.94
N PHE A 177 10.14 8.77 -22.74
CA PHE A 177 9.87 8.74 -24.18
C PHE A 177 10.48 7.49 -24.81
N SER A 178 11.74 7.20 -24.48
CA SER A 178 12.40 6.04 -25.09
C SER A 178 11.69 4.74 -24.68
N VAL A 179 11.24 4.69 -23.42
CA VAL A 179 10.44 3.57 -22.94
C VAL A 179 9.17 3.42 -23.78
N PHE A 180 8.49 4.54 -24.06
CA PHE A 180 7.26 4.54 -24.83
C PHE A 180 7.55 4.01 -26.22
N TYR A 181 8.58 4.55 -26.88
CA TYR A 181 8.97 4.06 -28.21
C TYR A 181 9.15 2.54 -28.18
N TYR A 182 9.75 2.00 -27.11
CA TYR A 182 10.04 0.58 -27.06
C TYR A 182 8.82 -0.26 -26.68
N GLU A 183 8.11 0.13 -25.62
CA GLU A 183 7.09 -0.72 -25.04
C GLU A 183 5.74 -0.49 -25.72
N ILE A 184 5.51 0.70 -26.28
CA ILE A 184 4.22 1.01 -26.86
C ILE A 184 4.28 0.95 -28.39
N LEU A 185 5.28 1.56 -29.03
CA LEU A 185 5.36 1.59 -30.50
C LEU A 185 6.23 0.46 -31.06
N ASN A 186 6.74 -0.42 -30.20
CA ASN A 186 7.66 -1.49 -30.56
C ASN A 186 8.72 -1.02 -31.56
N SER A 187 9.34 0.15 -31.31
CA SER A 187 10.55 0.57 -32.01
C SER A 187 11.70 0.43 -31.03
N PRO A 188 12.46 -0.68 -31.01
CA PRO A 188 13.63 -0.76 -30.13
C PRO A 188 14.75 0.13 -30.65
N GLU A 189 14.81 0.39 -31.97
CA GLU A 189 15.86 1.25 -32.52
C GLU A 189 15.65 2.68 -32.05
N LYS A 190 14.44 3.19 -32.28
CA LYS A 190 14.07 4.56 -31.96
C LYS A 190 14.25 4.80 -30.45
N ALA A 191 13.83 3.83 -29.65
CA ALA A 191 14.00 3.87 -28.20
C ALA A 191 15.46 4.02 -27.81
N CYS A 192 16.35 3.21 -28.44
CA CYS A 192 17.75 3.12 -28.06
C CYS A 192 18.54 4.35 -28.48
N SER A 193 18.21 4.92 -29.62
CA SER A 193 18.93 6.08 -30.10
C SER A 193 18.63 7.29 -29.21
N LEU A 194 17.35 7.41 -28.83
CA LEU A 194 16.91 8.53 -28.00
C LEU A 194 17.57 8.41 -26.62
N ALA A 195 17.59 7.19 -26.09
CA ALA A 195 18.23 6.89 -24.82
C ALA A 195 19.71 7.25 -24.84
N LYS A 196 20.39 6.89 -25.94
CA LYS A 196 21.84 7.02 -26.03
C LYS A 196 22.22 8.49 -26.14
N THR A 197 21.50 9.21 -26.99
CA THR A 197 21.72 10.64 -27.15
C THR A 197 21.53 11.34 -25.81
N ALA A 198 20.45 11.02 -25.10
CA ALA A 198 20.17 11.70 -23.85
C ALA A 198 21.35 11.50 -22.93
N PHE A 199 21.77 10.23 -22.79
CA PHE A 199 22.85 9.88 -21.89
C PHE A 199 24.19 10.47 -22.31
N ASP A 200 24.52 10.37 -23.61
CA ASP A 200 25.79 10.88 -24.09
C ASP A 200 25.88 12.40 -23.89
N GLU A 201 24.78 13.10 -24.18
CA GLU A 201 24.75 14.55 -24.11
C GLU A 201 24.82 15.02 -22.65
N ALA A 202 24.24 14.24 -21.72
CA ALA A 202 24.40 14.53 -20.31
C ALA A 202 25.87 14.37 -19.92
N ILE A 203 26.51 13.27 -20.36
CA ILE A 203 27.91 13.04 -20.02
C ILE A 203 28.76 14.18 -20.57
N ALA A 204 28.54 14.55 -21.84
CA ALA A 204 29.44 15.52 -22.46
C ALA A 204 29.31 16.89 -21.80
N GLU A 205 28.16 17.19 -21.18
CA GLU A 205 28.00 18.45 -20.46
C GLU A 205 27.83 18.23 -18.96
N LEU A 206 28.62 17.27 -18.42
CA LEU A 206 28.67 17.02 -16.98
C LEU A 206 28.98 18.29 -16.19
N ASP A 207 29.78 19.20 -16.76
CA ASP A 207 30.03 20.51 -16.17
C ASP A 207 28.72 21.15 -15.68
N THR A 208 27.61 20.96 -16.40
CA THR A 208 26.39 21.68 -16.11
C THR A 208 25.58 21.04 -14.98
N LEU A 209 25.89 19.81 -14.57
CA LEU A 209 25.10 19.13 -13.55
C LEU A 209 25.24 19.84 -12.20
N SER A 210 24.14 20.43 -11.72
CA SER A 210 24.17 21.16 -10.46
C SER A 210 24.11 20.19 -9.28
N GLU A 211 24.56 20.66 -8.11
CA GLU A 211 24.59 19.85 -6.89
C GLU A 211 23.15 19.63 -6.41
N GLU A 212 22.27 20.59 -6.70
CA GLU A 212 20.84 20.46 -6.47
C GLU A 212 20.32 19.23 -7.22
N SER A 213 20.66 19.13 -8.52
CA SER A 213 20.07 18.15 -9.43
C SER A 213 20.79 16.80 -9.42
N TYR A 214 21.97 16.72 -8.75
CA TYR A 214 22.92 15.64 -8.97
C TYR A 214 22.33 14.25 -8.74
N LYS A 215 21.62 14.10 -7.62
CA LYS A 215 21.17 12.79 -7.18
C LYS A 215 20.24 12.23 -8.24
N ASP A 216 19.28 13.05 -8.68
CA ASP A 216 18.16 12.61 -9.50
C ASP A 216 18.63 12.39 -10.92
N SER A 217 19.42 13.33 -11.45
CA SER A 217 19.94 13.21 -12.80
C SER A 217 20.68 11.87 -12.93
N THR A 218 21.53 11.57 -11.94
CA THR A 218 22.39 10.41 -12.00
C THR A 218 21.51 9.17 -11.96
N LEU A 219 20.53 9.17 -11.06
CA LEU A 219 19.62 8.04 -10.99
C LEU A 219 19.04 7.78 -12.39
N ILE A 220 18.65 8.85 -13.10
CA ILE A 220 17.92 8.71 -14.34
C ILE A 220 18.89 8.19 -15.39
N MET A 221 20.12 8.74 -15.37
CA MET A 221 21.16 8.33 -16.30
C MET A 221 21.49 6.85 -16.13
N GLN A 222 21.48 6.36 -14.90
CA GLN A 222 21.62 4.93 -14.68
C GLN A 222 20.50 4.17 -15.41
N LEU A 223 19.25 4.61 -15.21
CA LEU A 223 18.09 3.95 -15.80
C LEU A 223 18.19 3.97 -17.33
N LEU A 224 18.61 5.10 -17.90
CA LEU A 224 18.93 5.23 -19.31
C LEU A 224 19.92 4.15 -19.74
N ARG A 225 21.12 4.11 -19.12
CA ARG A 225 22.16 3.22 -19.62
C ARG A 225 21.77 1.77 -19.38
N ASP A 226 21.07 1.49 -18.26
CA ASP A 226 20.56 0.16 -17.98
C ASP A 226 19.62 -0.28 -19.10
N ASN A 227 18.72 0.62 -19.54
CA ASN A 227 17.75 0.28 -20.57
C ASN A 227 18.43 0.14 -21.92
N LEU A 228 19.41 1.02 -22.16
CA LEU A 228 20.23 0.90 -23.35
C LEU A 228 20.91 -0.46 -23.42
N THR A 229 21.22 -1.09 -22.27
CA THR A 229 21.84 -2.40 -22.30
C THR A 229 20.82 -3.44 -22.77
N LEU A 230 19.75 -3.66 -21.99
CA LEU A 230 18.88 -4.81 -22.22
C LEU A 230 17.95 -4.62 -23.43
N TRP A 231 17.97 -3.46 -24.09
CA TRP A 231 17.30 -3.35 -25.38
C TRP A 231 18.16 -3.93 -26.50
N THR A 232 19.44 -3.51 -26.60
CA THR A 232 20.38 -4.13 -27.52
C THR A 232 21.28 -5.06 -26.70
N SER A 233 20.74 -6.22 -26.33
CA SER A 233 21.52 -7.24 -25.65
C SER A 233 22.18 -8.14 -26.72
N MET B 4 -20.37 -13.94 -6.09
CA MET B 4 -21.63 -14.62 -5.70
C MET B 4 -21.33 -15.96 -5.01
N ASP B 5 -20.53 -16.84 -5.65
CA ASP B 5 -20.29 -18.23 -5.23
C ASP B 5 -19.03 -18.32 -4.36
N LYS B 6 -18.96 -19.32 -3.48
CA LYS B 6 -17.95 -19.39 -2.44
C LYS B 6 -16.57 -19.73 -3.01
N ASN B 7 -16.54 -20.71 -3.90
CA ASN B 7 -15.31 -21.05 -4.59
C ASN B 7 -14.85 -19.83 -5.40
N GLU B 8 -15.81 -19.03 -5.93
CA GLU B 8 -15.48 -17.89 -6.79
C GLU B 8 -14.79 -16.85 -5.89
N LEU B 9 -15.29 -16.67 -4.66
CA LEU B 9 -14.84 -15.64 -3.74
C LEU B 9 -13.47 -16.00 -3.16
N VAL B 10 -13.28 -17.28 -2.86
CA VAL B 10 -11.99 -17.76 -2.36
C VAL B 10 -10.88 -17.49 -3.38
N GLN B 11 -11.22 -17.59 -4.67
CA GLN B 11 -10.23 -17.45 -5.74
C GLN B 11 -9.94 -15.96 -5.92
N LYS B 12 -11.00 -15.13 -5.89
CA LYS B 12 -10.78 -13.69 -5.87
C LYS B 12 -9.76 -13.30 -4.81
N ALA B 13 -9.94 -13.89 -3.62
CA ALA B 13 -9.23 -13.47 -2.43
C ALA B 13 -7.75 -13.74 -2.65
N LYS B 14 -7.47 -14.90 -3.25
CA LYS B 14 -6.11 -15.33 -3.52
C LYS B 14 -5.48 -14.45 -4.60
N LEU B 15 -6.30 -14.09 -5.58
CA LEU B 15 -5.86 -13.28 -6.69
C LEU B 15 -5.48 -11.89 -6.14
N ALA B 16 -6.39 -11.32 -5.34
CA ALA B 16 -6.19 -10.08 -4.61
C ALA B 16 -4.92 -10.12 -3.78
N GLU B 17 -4.73 -11.21 -3.03
CA GLU B 17 -3.53 -11.35 -2.22
C GLU B 17 -2.33 -11.26 -3.15
N GLN B 18 -2.36 -11.98 -4.29
CA GLN B 18 -1.24 -11.93 -5.24
C GLN B 18 -1.00 -10.49 -5.72
N ALA B 19 -2.10 -9.74 -5.94
CA ALA B 19 -2.09 -8.36 -6.34
C ALA B 19 -1.75 -7.38 -5.21
N GLU B 20 -1.60 -7.87 -3.98
CA GLU B 20 -1.40 -6.99 -2.83
C GLU B 20 -2.52 -5.95 -2.74
N ARG B 21 -3.77 -6.37 -2.96
CA ARG B 21 -4.94 -5.54 -2.78
C ARG B 21 -5.83 -6.12 -1.67
N TYR B 22 -5.53 -5.75 -0.42
CA TYR B 22 -6.05 -6.49 0.73
C TYR B 22 -7.46 -6.05 1.14
N ASP B 23 -7.83 -4.80 0.86
CA ASP B 23 -9.22 -4.38 1.00
C ASP B 23 -10.11 -5.37 0.25
N ASP B 24 -9.78 -5.62 -1.02
CA ASP B 24 -10.45 -6.63 -1.85
C ASP B 24 -10.38 -8.01 -1.19
N MET B 25 -9.17 -8.44 -0.77
CA MET B 25 -9.00 -9.76 -0.19
C MET B 25 -9.96 -9.91 0.99
N ALA B 26 -10.00 -8.88 1.87
CA ALA B 26 -10.81 -8.92 3.06
C ALA B 26 -12.28 -9.02 2.68
N ALA B 27 -12.75 -8.15 1.78
CA ALA B 27 -14.15 -8.10 1.40
C ALA B 27 -14.59 -9.45 0.83
N CYS B 28 -13.74 -10.09 0.02
CA CYS B 28 -14.14 -11.39 -0.49
C CYS B 28 -14.48 -12.31 0.69
N MET B 29 -13.48 -12.46 1.60
CA MET B 29 -13.55 -13.36 2.72
C MET B 29 -14.63 -12.91 3.71
N LYS B 30 -14.93 -11.62 3.80
CA LYS B 30 -16.11 -11.20 4.53
C LYS B 30 -17.31 -11.92 3.93
N SER B 31 -17.47 -11.94 2.60
CA SER B 31 -18.71 -12.42 1.99
C SER B 31 -18.85 -13.93 2.18
N VAL B 32 -17.70 -14.62 2.17
CA VAL B 32 -17.64 -16.06 2.42
C VAL B 32 -18.10 -16.36 3.85
N THR B 33 -17.63 -15.59 4.83
CA THR B 33 -18.07 -15.73 6.21
C THR B 33 -19.58 -15.50 6.32
N GLU B 34 -20.09 -14.47 5.64
CA GLU B 34 -21.48 -14.09 5.82
C GLU B 34 -22.41 -15.10 5.15
N GLN B 35 -21.87 -16.16 4.51
CA GLN B 35 -22.69 -17.24 3.97
C GLN B 35 -23.04 -18.28 5.04
N GLY B 36 -22.41 -18.18 6.21
CA GLY B 36 -22.98 -18.75 7.42
C GLY B 36 -22.41 -20.13 7.72
N ALA B 37 -21.65 -20.71 6.81
CA ALA B 37 -21.02 -22.00 7.06
C ALA B 37 -19.64 -21.79 7.66
N GLU B 38 -19.15 -22.84 8.32
CA GLU B 38 -17.88 -22.88 9.01
C GLU B 38 -16.77 -22.87 7.97
N LEU B 39 -15.84 -21.91 8.06
CA LEU B 39 -14.74 -21.80 7.12
C LEU B 39 -13.82 -23.01 7.25
N SER B 40 -13.34 -23.49 6.11
CA SER B 40 -12.18 -24.37 6.02
C SER B 40 -10.98 -23.67 6.64
N ASN B 41 -9.92 -24.44 6.91
CA ASN B 41 -8.67 -23.86 7.38
C ASN B 41 -8.10 -22.89 6.35
N GLU B 42 -8.21 -23.26 5.07
CA GLU B 42 -7.69 -22.40 4.02
C GLU B 42 -8.39 -21.05 4.13
N GLU B 43 -9.73 -21.09 4.14
CA GLU B 43 -10.55 -19.89 4.10
C GLU B 43 -10.26 -19.04 5.34
N ARG B 44 -10.23 -19.66 6.51
CA ARG B 44 -9.92 -18.95 7.74
C ARG B 44 -8.54 -18.26 7.71
N ASN B 45 -7.53 -18.85 7.05
CA ASN B 45 -6.22 -18.22 7.01
C ASN B 45 -6.24 -17.06 6.01
N LEU B 46 -7.05 -17.21 4.96
CA LEU B 46 -7.28 -16.12 4.03
C LEU B 46 -7.84 -14.90 4.75
N LEU B 47 -8.95 -15.10 5.45
CA LEU B 47 -9.60 -14.06 6.23
C LEU B 47 -8.60 -13.32 7.13
N SER B 48 -7.84 -14.11 7.88
CA SER B 48 -6.97 -13.61 8.93
C SER B 48 -5.79 -12.83 8.31
N VAL B 49 -5.19 -13.37 7.26
CA VAL B 49 -4.16 -12.68 6.50
C VAL B 49 -4.70 -11.36 5.94
N ALA B 50 -5.83 -11.43 5.22
CA ALA B 50 -6.48 -10.23 4.69
C ALA B 50 -6.64 -9.12 5.75
N TYR B 51 -7.31 -9.38 6.86
CA TYR B 51 -7.52 -8.29 7.81
C TYR B 51 -6.24 -7.94 8.57
N LYS B 52 -5.30 -8.87 8.74
CA LYS B 52 -3.98 -8.56 9.28
C LYS B 52 -3.42 -7.36 8.54
N ASN B 53 -3.41 -7.44 7.19
CA ASN B 53 -2.83 -6.43 6.34
C ASN B 53 -3.68 -5.16 6.36
N VAL B 54 -4.99 -5.31 6.19
CA VAL B 54 -5.90 -4.16 6.23
C VAL B 54 -5.68 -3.42 7.54
N VAL B 55 -5.79 -4.13 8.68
CA VAL B 55 -5.67 -3.46 9.96
C VAL B 55 -4.22 -3.00 10.16
N GLY B 56 -3.22 -3.77 9.68
CA GLY B 56 -1.83 -3.47 10.00
C GLY B 56 -1.37 -2.13 9.42
N ALA B 57 -1.87 -1.81 8.21
CA ALA B 57 -1.56 -0.55 7.51
C ALA B 57 -2.01 0.68 8.29
N ARG B 58 -3.16 0.62 8.97
CA ARG B 58 -3.65 1.75 9.76
C ARG B 58 -2.89 1.89 11.09
N ARG B 59 -2.60 0.76 11.70
CA ARG B 59 -1.83 0.72 12.94
C ARG B 59 -0.47 1.38 12.64
N SER B 60 0.12 1.04 11.50
CA SER B 60 1.39 1.61 11.08
C SER B 60 1.33 3.13 10.83
N SER B 61 0.33 3.55 10.04
CA SER B 61 0.10 4.94 9.69
C SER B 61 -0.15 5.73 10.96
N TRP B 62 -1.04 5.20 11.81
CA TRP B 62 -1.38 5.85 13.07
C TRP B 62 -0.11 6.11 13.85
N ARG B 63 0.71 5.07 14.05
CA ARG B 63 1.97 5.22 14.76
C ARG B 63 2.71 6.44 14.21
N VAL B 64 2.77 6.57 12.88
CA VAL B 64 3.57 7.61 12.27
C VAL B 64 3.02 8.99 12.58
N VAL B 65 1.74 9.18 12.32
CA VAL B 65 1.13 10.48 12.49
C VAL B 65 1.10 10.81 13.98
N SER B 66 1.16 9.79 14.85
CA SER B 66 1.04 10.04 16.29
C SER B 66 2.37 10.56 16.80
N SER B 67 3.44 10.01 16.24
CA SER B 67 4.78 10.49 16.49
C SER B 67 4.86 11.97 16.11
N ILE B 68 4.23 12.33 14.99
CA ILE B 68 4.35 13.71 14.53
C ILE B 68 3.54 14.64 15.44
N GLU B 69 2.36 14.21 15.85
CA GLU B 69 1.52 14.97 16.76
C GLU B 69 2.31 15.32 18.02
N GLN B 70 3.11 14.37 18.49
CA GLN B 70 3.85 14.55 19.73
C GLN B 70 4.97 15.55 19.50
N LYS B 71 5.78 15.25 18.49
CA LYS B 71 6.96 16.03 18.13
C LYS B 71 6.62 17.41 17.57
N THR B 72 5.34 17.80 17.47
CA THR B 72 5.04 19.18 17.12
C THR B 72 4.36 19.94 18.28
N GLU B 73 4.49 19.45 19.51
CA GLU B 73 4.04 20.22 20.66
C GLU B 73 4.78 21.57 20.61
N GLY B 74 4.08 22.66 20.91
CA GLY B 74 4.64 23.99 20.76
C GLY B 74 4.27 24.64 19.41
N ALA B 75 4.22 23.84 18.34
CA ALA B 75 3.80 24.33 17.03
C ALA B 75 2.31 24.03 16.83
N GLU B 76 1.42 24.81 17.46
CA GLU B 76 0.11 24.28 17.79
C GLU B 76 -0.74 23.98 16.56
N LYS B 77 -0.64 24.78 15.50
CA LYS B 77 -1.50 24.59 14.35
C LYS B 77 -1.14 23.29 13.63
N LYS B 78 0.17 22.99 13.62
CA LYS B 78 0.73 21.81 12.96
C LYS B 78 0.29 20.55 13.70
N GLN B 79 0.30 20.67 15.03
CA GLN B 79 -0.10 19.58 15.86
C GLN B 79 -1.58 19.36 15.61
N GLN B 80 -2.39 20.42 15.56
CA GLN B 80 -3.81 20.24 15.31
C GLN B 80 -4.07 19.50 13.99
N MET B 81 -3.23 19.77 12.96
CA MET B 81 -3.36 19.17 11.64
C MET B 81 -3.09 17.66 11.74
N ALA B 82 -2.00 17.32 12.43
CA ALA B 82 -1.64 15.93 12.68
C ALA B 82 -2.73 15.23 13.50
N ARG B 83 -3.25 15.91 14.53
CA ARG B 83 -4.24 15.32 15.42
C ARG B 83 -5.53 14.95 14.67
N GLU B 84 -6.04 15.86 13.83
CA GLU B 84 -7.26 15.54 13.09
C GLU B 84 -7.01 14.36 12.14
N TYR B 85 -5.79 14.29 11.60
CA TYR B 85 -5.50 13.30 10.57
C TYR B 85 -5.40 11.98 11.29
N ARG B 86 -4.78 11.98 12.48
CA ARG B 86 -4.80 10.77 13.31
C ARG B 86 -6.24 10.31 13.56
N GLU B 87 -7.12 11.25 13.89
CA GLU B 87 -8.53 10.97 14.09
C GLU B 87 -9.16 10.32 12.86
N LYS B 88 -8.83 10.76 11.63
CA LYS B 88 -9.30 10.09 10.42
C LYS B 88 -8.93 8.60 10.42
N ILE B 89 -7.64 8.34 10.68
CA ILE B 89 -7.07 7.00 10.70
C ILE B 89 -7.78 6.14 11.73
N GLU B 90 -8.04 6.73 12.92
CA GLU B 90 -8.75 6.06 13.98
C GLU B 90 -10.17 5.68 13.59
N THR B 91 -10.83 6.51 12.77
CA THR B 91 -12.17 6.16 12.32
C THR B 91 -12.07 4.91 11.44
N GLU B 92 -11.14 4.86 10.51
CA GLU B 92 -10.99 3.65 9.68
C GLU B 92 -10.64 2.47 10.59
N LEU B 93 -9.70 2.69 11.52
CA LEU B 93 -9.32 1.62 12.43
C LEU B 93 -10.53 1.09 13.22
N ARG B 94 -11.47 1.95 13.61
CA ARG B 94 -12.64 1.48 14.29
C ARG B 94 -13.56 0.72 13.35
N ASP B 95 -13.74 1.21 12.10
CA ASP B 95 -14.61 0.52 11.15
C ASP B 95 -14.11 -0.92 11.05
N ILE B 96 -12.81 -1.10 10.86
CA ILE B 96 -12.20 -2.39 10.58
C ILE B 96 -12.32 -3.32 11.78
N CYS B 97 -12.10 -2.79 12.99
CA CYS B 97 -12.21 -3.60 14.18
C CYS B 97 -13.66 -4.06 14.33
N ASN B 98 -14.61 -3.13 14.21
CA ASN B 98 -16.01 -3.51 14.37
C ASN B 98 -16.44 -4.53 13.32
N ASP B 99 -15.91 -4.42 12.09
CA ASP B 99 -16.19 -5.39 11.03
C ASP B 99 -15.79 -6.79 11.51
N VAL B 100 -14.52 -6.93 11.92
CA VAL B 100 -13.98 -8.22 12.27
C VAL B 100 -14.75 -8.77 13.46
N LEU B 101 -14.90 -7.93 14.51
CA LEU B 101 -15.45 -8.35 15.79
C LEU B 101 -16.86 -8.82 15.55
N SER B 102 -17.56 -8.10 14.65
CA SER B 102 -18.91 -8.45 14.27
C SER B 102 -18.91 -9.81 13.54
N LEU B 103 -17.99 -10.04 12.59
CA LEU B 103 -17.98 -11.35 11.95
C LEU B 103 -17.72 -12.43 13.00
N LEU B 104 -16.88 -12.14 14.02
CA LEU B 104 -16.58 -13.11 15.06
C LEU B 104 -17.83 -13.36 15.92
N GLU B 105 -18.54 -12.32 16.32
CA GLU B 105 -19.76 -12.55 17.07
C GLU B 105 -20.75 -13.36 16.25
N LYS B 106 -21.10 -12.93 15.04
CA LYS B 106 -22.22 -13.52 14.31
C LYS B 106 -21.90 -14.87 13.67
N PHE B 107 -20.66 -15.11 13.22
CA PHE B 107 -20.40 -16.22 12.32
C PHE B 107 -19.28 -17.08 12.87
N LEU B 108 -18.11 -16.50 13.08
CA LEU B 108 -16.96 -17.37 13.22
C LEU B 108 -16.94 -18.09 14.56
N ILE B 109 -17.30 -17.40 15.66
CA ILE B 109 -17.25 -18.03 16.97
C ILE B 109 -18.40 -19.01 17.15
N PRO B 110 -19.68 -18.68 16.83
CA PRO B 110 -20.76 -19.67 16.83
C PRO B 110 -20.50 -20.95 16.05
N ASN B 111 -19.87 -20.84 14.89
CA ASN B 111 -19.77 -21.98 13.99
C ASN B 111 -18.55 -22.83 14.33
N ALA B 112 -17.69 -22.37 15.27
CA ALA B 112 -16.46 -23.09 15.52
C ALA B 112 -16.78 -24.44 16.18
N SER B 113 -16.54 -25.53 15.47
CA SER B 113 -16.93 -26.84 15.96
C SER B 113 -15.73 -27.54 16.63
N GLN B 114 -14.50 -27.15 16.29
CA GLN B 114 -13.31 -27.75 16.87
C GLN B 114 -12.60 -26.74 17.78
N ALA B 115 -11.88 -27.28 18.76
CA ALA B 115 -11.05 -26.55 19.69
C ALA B 115 -10.05 -25.62 18.98
N GLU B 116 -9.37 -26.16 17.97
CA GLU B 116 -8.34 -25.45 17.22
C GLU B 116 -8.91 -24.11 16.79
N SER B 117 -10.06 -24.16 16.11
CA SER B 117 -10.64 -22.99 15.51
C SER B 117 -11.31 -22.07 16.55
N LYS B 118 -11.92 -22.61 17.59
CA LYS B 118 -12.51 -21.76 18.61
C LYS B 118 -11.43 -20.91 19.30
N VAL B 119 -10.24 -21.49 19.47
CA VAL B 119 -9.13 -20.80 20.09
C VAL B 119 -8.56 -19.75 19.15
N PHE B 120 -8.31 -20.17 17.92
CA PHE B 120 -7.86 -19.26 16.89
C PHE B 120 -8.81 -18.06 16.84
N TYR B 121 -10.13 -18.27 16.76
CA TYR B 121 -11.03 -17.14 16.63
C TYR B 121 -11.14 -16.35 17.93
N LEU B 122 -10.96 -16.96 19.12
CA LEU B 122 -11.11 -16.16 20.33
C LEU B 122 -9.88 -15.27 20.47
N LYS B 123 -8.77 -15.76 19.96
CA LYS B 123 -7.54 -14.98 19.95
C LYS B 123 -7.70 -13.76 19.03
N MET B 124 -8.21 -13.98 17.83
CA MET B 124 -8.51 -12.93 16.86
C MET B 124 -9.32 -11.83 17.57
N LYS B 125 -10.26 -12.27 18.38
CA LYS B 125 -11.16 -11.38 19.08
C LYS B 125 -10.33 -10.59 20.09
N GLY B 126 -9.51 -11.30 20.87
CA GLY B 126 -8.56 -10.64 21.77
C GLY B 126 -7.79 -9.55 21.02
N ASP B 127 -7.19 -9.99 19.90
CA ASP B 127 -6.42 -9.12 19.03
C ASP B 127 -7.19 -7.85 18.65
N TYR B 128 -8.38 -8.01 18.06
CA TYR B 128 -9.04 -6.87 17.46
C TYR B 128 -9.72 -6.03 18.54
N TYR B 129 -10.11 -6.62 19.67
CA TYR B 129 -10.45 -5.80 20.83
C TYR B 129 -9.22 -5.02 21.29
N ARG B 130 -8.03 -5.64 21.31
CA ARG B 130 -6.82 -4.91 21.66
C ARG B 130 -6.66 -3.69 20.74
N TYR B 131 -6.82 -3.92 19.41
CA TYR B 131 -6.61 -2.85 18.44
C TYR B 131 -7.60 -1.71 18.71
N LEU B 132 -8.90 -2.01 18.79
CA LEU B 132 -9.94 -1.04 19.14
C LEU B 132 -9.56 -0.28 20.42
N ALA B 133 -9.06 -0.99 21.42
CA ALA B 133 -8.78 -0.39 22.71
C ALA B 133 -7.73 0.71 22.56
N GLU B 134 -6.75 0.45 21.67
CA GLU B 134 -5.57 1.29 21.58
C GLU B 134 -5.95 2.67 21.07
N VAL B 135 -7.15 2.79 20.48
CA VAL B 135 -7.59 4.09 20.01
C VAL B 135 -8.95 4.47 20.61
N ALA B 136 -9.24 3.94 21.80
CA ALA B 136 -10.46 4.22 22.54
C ALA B 136 -10.23 5.35 23.54
N ALA B 137 -11.34 5.97 23.95
CA ALA B 137 -11.29 7.05 24.94
C ALA B 137 -11.86 6.60 26.28
N GLY B 138 -11.17 7.04 27.33
CA GLY B 138 -11.74 7.22 28.65
C GLY B 138 -12.26 5.91 29.20
N ASP B 139 -13.58 5.81 29.38
CA ASP B 139 -14.21 4.67 30.03
C ASP B 139 -14.44 3.56 29.00
N ASP B 140 -14.78 3.97 27.78
CA ASP B 140 -14.84 3.08 26.63
C ASP B 140 -13.56 2.24 26.58
N LYS B 141 -12.39 2.87 26.71
CA LYS B 141 -11.12 2.15 26.71
C LYS B 141 -11.12 1.00 27.71
N LYS B 142 -11.48 1.33 28.96
CA LYS B 142 -11.45 0.40 30.07
C LYS B 142 -12.28 -0.85 29.76
N GLY B 143 -13.54 -0.66 29.34
CA GLY B 143 -14.41 -1.79 29.04
C GLY B 143 -13.86 -2.64 27.88
N ILE B 144 -13.29 -1.95 26.89
CA ILE B 144 -12.79 -2.64 25.73
C ILE B 144 -11.54 -3.44 26.11
N VAL B 145 -10.63 -2.85 26.90
CA VAL B 145 -9.47 -3.61 27.37
C VAL B 145 -9.92 -4.91 28.07
N ASP B 146 -11.03 -4.81 28.81
CA ASP B 146 -11.55 -5.95 29.52
C ASP B 146 -11.99 -7.02 28.54
N GLN B 147 -12.71 -6.62 27.48
CA GLN B 147 -13.21 -7.56 26.49
C GLN B 147 -12.05 -8.27 25.83
N SER B 148 -10.92 -7.60 25.70
CA SER B 148 -9.71 -8.19 25.19
C SER B 148 -9.19 -9.25 26.16
N GLN B 149 -9.09 -8.89 27.45
CA GLN B 149 -8.66 -9.81 28.49
C GLN B 149 -9.45 -11.11 28.43
N GLN B 150 -10.77 -10.95 28.34
CA GLN B 150 -11.69 -12.07 28.45
C GLN B 150 -11.52 -13.00 27.26
N ALA B 151 -11.49 -12.44 26.04
CA ALA B 151 -11.39 -13.28 24.86
C ALA B 151 -10.06 -14.03 24.91
N TYR B 152 -8.98 -13.33 25.27
CA TYR B 152 -7.68 -13.99 25.39
C TYR B 152 -7.73 -15.07 26.46
N GLN B 153 -8.27 -14.75 27.64
CA GLN B 153 -8.35 -15.71 28.73
C GLN B 153 -9.13 -16.95 28.28
N GLU B 154 -10.34 -16.74 27.74
CA GLU B 154 -11.13 -17.89 27.34
C GLU B 154 -10.31 -18.74 26.37
N ALA B 155 -9.71 -18.12 25.36
CA ALA B 155 -8.95 -18.90 24.40
C ALA B 155 -7.82 -19.61 25.13
N PHE B 156 -7.22 -18.93 26.10
CA PHE B 156 -6.10 -19.51 26.83
C PHE B 156 -6.57 -20.77 27.56
N GLU B 157 -7.71 -20.66 28.26
CA GLU B 157 -8.25 -21.79 29.01
C GLU B 157 -8.60 -22.95 28.05
N ILE B 158 -9.19 -22.66 26.90
CA ILE B 158 -9.57 -23.75 26.03
C ILE B 158 -8.32 -24.41 25.50
N SER B 159 -7.29 -23.62 25.28
CA SER B 159 -6.07 -24.16 24.66
C SER B 159 -5.29 -25.00 25.67
N LYS B 160 -5.35 -24.64 26.95
CA LYS B 160 -4.65 -25.41 27.97
C LYS B 160 -5.20 -26.83 28.03
N LYS B 161 -6.51 -26.94 27.76
CA LYS B 161 -7.29 -28.14 28.03
C LYS B 161 -7.34 -29.03 26.78
N GLU B 162 -7.28 -28.44 25.57
CA GLU B 162 -7.69 -29.14 24.36
C GLU B 162 -6.61 -29.17 23.28
N MET B 163 -5.43 -28.56 23.53
CA MET B 163 -4.42 -28.49 22.49
C MET B 163 -3.03 -28.88 23.03
N GLN B 164 -2.18 -29.31 22.11
CA GLN B 164 -0.81 -29.67 22.43
C GLN B 164 -0.10 -28.37 22.76
N PRO B 165 0.85 -28.36 23.73
CA PRO B 165 1.58 -27.15 24.07
C PRO B 165 2.48 -26.61 22.96
N THR B 166 2.70 -27.42 21.91
CA THR B 166 3.57 -27.08 20.78
C THR B 166 2.79 -26.48 19.62
N HIS B 167 1.44 -26.53 19.70
CA HIS B 167 0.59 -26.08 18.60
C HIS B 167 0.81 -24.60 18.33
N PRO B 168 1.06 -24.17 17.07
CA PRO B 168 1.32 -22.75 16.79
C PRO B 168 0.18 -21.79 17.10
N ILE B 169 -1.08 -22.26 17.09
CA ILE B 169 -2.21 -21.44 17.49
C ILE B 169 -2.12 -21.18 19.00
N ARG B 170 -1.77 -22.23 19.76
CA ARG B 170 -1.58 -22.12 21.20
C ARG B 170 -0.33 -21.32 21.60
N LEU B 171 0.76 -21.37 20.85
CA LEU B 171 1.92 -20.54 21.19
C LEU B 171 1.67 -19.10 20.75
N GLY B 172 1.00 -18.96 19.61
CA GLY B 172 0.55 -17.68 19.07
C GLY B 172 -0.33 -16.93 20.06
N LEU B 173 -1.28 -17.65 20.64
CA LEU B 173 -2.11 -17.09 21.69
C LEU B 173 -1.26 -16.54 22.82
N ALA B 174 -0.24 -17.31 23.23
CA ALA B 174 0.61 -16.96 24.36
C ALA B 174 1.45 -15.73 24.06
N LEU B 175 2.00 -15.66 22.86
CA LEU B 175 2.71 -14.46 22.47
C LEU B 175 1.82 -13.23 22.70
N ASN B 176 0.74 -13.13 21.92
CA ASN B 176 -0.13 -11.92 21.98
C ASN B 176 -0.62 -11.70 23.41
N PHE B 177 -1.18 -12.73 24.04
CA PHE B 177 -1.74 -12.53 25.41
C PHE B 177 -0.65 -11.91 26.27
N SER B 178 0.60 -12.37 26.13
CA SER B 178 1.63 -11.87 27.03
C SER B 178 1.95 -10.42 26.63
N VAL B 179 1.97 -10.16 25.32
CA VAL B 179 2.20 -8.81 24.81
C VAL B 179 1.07 -7.87 25.24
N PHE B 180 -0.15 -8.38 25.34
CA PHE B 180 -1.23 -7.56 25.87
C PHE B 180 -0.98 -7.24 27.34
N TYR B 181 -0.55 -8.23 28.13
CA TYR B 181 -0.17 -7.95 29.51
C TYR B 181 0.91 -6.86 29.59
N TYR B 182 1.88 -6.87 28.69
CA TYR B 182 2.91 -5.84 28.76
C TYR B 182 2.34 -4.51 28.28
N GLU B 183 1.85 -4.46 27.04
CA GLU B 183 1.65 -3.21 26.35
C GLU B 183 0.36 -2.54 26.81
N ILE B 184 -0.69 -3.30 27.14
CA ILE B 184 -1.97 -2.67 27.42
C ILE B 184 -2.15 -2.57 28.92
N LEU B 185 -1.79 -3.59 29.69
CA LEU B 185 -2.09 -3.56 31.12
C LEU B 185 -0.87 -3.16 31.96
N ASN B 186 0.29 -2.98 31.33
CA ASN B 186 1.52 -2.72 32.07
C ASN B 186 1.66 -3.73 33.20
N SER B 187 1.78 -5.02 32.83
CA SER B 187 2.14 -6.06 33.78
C SER B 187 3.32 -6.85 33.22
N PRO B 188 4.57 -6.35 33.34
CA PRO B 188 5.72 -7.07 32.81
C PRO B 188 5.96 -8.38 33.57
N GLU B 189 5.46 -8.45 34.81
CA GLU B 189 5.57 -9.65 35.62
C GLU B 189 4.60 -10.72 35.12
N LYS B 190 3.37 -10.31 34.76
CA LYS B 190 2.37 -11.22 34.22
C LYS B 190 2.74 -11.58 32.77
N ALA B 191 3.21 -10.61 31.98
CA ALA B 191 3.67 -10.89 30.64
C ALA B 191 4.75 -11.97 30.65
N CYS B 192 5.79 -11.78 31.47
CA CYS B 192 6.95 -12.66 31.44
C CYS B 192 6.56 -14.07 31.89
N SER B 193 5.81 -14.16 32.98
CA SER B 193 5.45 -15.43 33.55
C SER B 193 4.76 -16.30 32.50
N LEU B 194 3.74 -15.71 31.85
CA LEU B 194 2.89 -16.35 30.86
C LEU B 194 3.72 -16.88 29.68
N ALA B 195 4.57 -16.00 29.16
CA ALA B 195 5.45 -16.33 28.05
C ALA B 195 6.47 -17.43 28.43
N LYS B 196 6.98 -17.43 29.67
CA LYS B 196 7.96 -18.42 30.09
C LYS B 196 7.26 -19.78 30.25
N THR B 197 6.01 -19.74 30.74
CA THR B 197 5.25 -20.96 30.97
C THR B 197 4.87 -21.66 29.66
N ALA B 198 4.60 -20.88 28.60
CA ALA B 198 4.25 -21.46 27.31
C ALA B 198 5.49 -22.06 26.65
N PHE B 199 6.62 -21.36 26.77
CA PHE B 199 7.88 -21.86 26.26
C PHE B 199 8.26 -23.12 27.03
N ASP B 200 8.00 -23.12 28.34
CA ASP B 200 8.35 -24.24 29.21
C ASP B 200 7.60 -25.51 28.81
N GLU B 201 6.32 -25.37 28.45
CA GLU B 201 5.46 -26.52 28.21
C GLU B 201 5.57 -27.01 26.78
N ALA B 202 5.99 -26.14 25.86
CA ALA B 202 6.21 -26.54 24.49
C ALA B 202 7.48 -27.37 24.39
N ILE B 203 8.52 -26.99 25.16
CA ILE B 203 9.84 -27.56 25.01
C ILE B 203 9.83 -29.05 25.36
N ALA B 204 8.95 -29.42 26.30
CA ALA B 204 8.73 -30.82 26.66
C ALA B 204 8.41 -31.68 25.44
N GLU B 205 7.38 -31.30 24.67
CA GLU B 205 6.82 -32.15 23.62
C GLU B 205 7.30 -31.77 22.21
N LEU B 206 8.51 -31.23 22.06
CA LEU B 206 9.11 -31.06 20.75
C LEU B 206 9.53 -32.42 20.17
N ASP B 207 9.99 -33.32 21.05
CA ASP B 207 10.32 -34.70 20.68
C ASP B 207 9.03 -35.51 20.53
N SER B 217 6.11 -22.77 15.11
CA SER B 217 6.34 -23.25 16.51
C SER B 217 7.69 -22.78 17.06
N THR B 218 8.80 -23.18 16.44
CA THR B 218 10.10 -22.66 16.86
C THR B 218 10.08 -21.14 16.67
N LEU B 219 9.44 -20.68 15.60
CA LEU B 219 9.48 -19.26 15.30
C LEU B 219 8.82 -18.50 16.46
N ILE B 220 7.66 -19.00 16.91
CA ILE B 220 6.88 -18.34 17.95
C ILE B 220 7.63 -18.44 19.27
N MET B 221 8.14 -19.63 19.57
CA MET B 221 9.03 -19.87 20.71
C MET B 221 10.20 -18.89 20.69
N GLN B 222 10.81 -18.68 19.52
CA GLN B 222 11.85 -17.66 19.41
C GLN B 222 11.28 -16.26 19.72
N LEU B 223 10.09 -15.96 19.20
CA LEU B 223 9.48 -14.65 19.39
C LEU B 223 9.22 -14.41 20.88
N LEU B 224 8.73 -15.44 21.59
CA LEU B 224 8.58 -15.39 23.03
C LEU B 224 9.91 -14.99 23.66
N ARG B 225 11.00 -15.73 23.34
CA ARG B 225 12.30 -15.38 23.91
C ARG B 225 12.60 -13.91 23.59
N ASP B 226 12.58 -13.52 22.31
CA ASP B 226 12.85 -12.14 21.91
C ASP B 226 12.15 -11.15 22.85
N ASN B 227 10.81 -11.28 22.99
CA ASN B 227 10.01 -10.33 23.77
C ASN B 227 10.47 -10.31 25.21
N LEU B 228 10.88 -11.49 25.70
CA LEU B 228 11.30 -11.63 27.08
C LEU B 228 12.56 -10.79 27.32
N THR B 229 13.50 -10.79 26.36
CA THR B 229 14.76 -10.05 26.55
C THR B 229 14.46 -8.55 26.57
N LEU B 230 13.49 -8.11 25.76
CA LEU B 230 13.11 -6.70 25.68
C LEU B 230 12.52 -6.23 27.01
N TRP B 231 11.60 -6.98 27.60
CA TRP B 231 10.86 -6.50 28.75
C TRP B 231 11.77 -6.30 29.96
N THR B 232 12.69 -7.26 30.20
CA THR B 232 13.51 -7.26 31.40
C THR B 232 14.73 -6.34 31.22
N SER B 233 15.30 -6.28 30.02
CA SER B 233 16.49 -5.46 29.79
C SER B 233 16.11 -3.96 29.80
N ARG C 2 6.30 -5.83 21.94
CA ARG C 2 5.68 -5.94 20.59
C ARG C 2 5.91 -7.35 20.05
N LEU C 3 6.14 -7.50 18.74
CA LEU C 3 6.44 -8.78 18.12
C LEU C 3 5.42 -9.89 17.88
N ASN C 5 3.09 -12.70 16.46
CA ASN C 5 2.77 -13.65 15.36
C ASN C 5 3.39 -13.32 14.00
N VAL C 6 2.61 -13.43 12.92
CA VAL C 6 3.20 -13.28 11.55
C VAL C 6 3.12 -11.85 11.00
N SER C 7 4.22 -11.35 10.44
CA SER C 7 4.29 -10.04 9.79
C SER C 7 3.63 -8.96 10.65
N ARG D 2 13.01 -2.39 -19.73
CA ARG D 2 12.47 -1.07 -19.32
C ARG D 2 12.73 -0.80 -17.84
N LEU D 3 13.07 0.47 -17.55
CA LEU D 3 13.19 1.00 -16.20
C LEU D 3 12.88 2.48 -16.33
N ASN D 5 11.18 6.33 -14.44
CA ASN D 5 11.52 7.14 -13.27
C ASN D 5 10.58 6.88 -12.09
N VAL D 6 11.19 6.64 -10.92
CA VAL D 6 10.48 6.42 -9.66
C VAL D 6 11.17 7.28 -8.59
#